data_2QJ6
#
_entry.id   2QJ6
#
_cell.length_a   40.050
_cell.length_b   199.680
_cell.length_c   58.720
_cell.angle_alpha   90.00
_cell.angle_beta   90.01
_cell.angle_gamma   90.00
#
_symmetry.space_group_name_H-M   'P 1 21 1'
#
loop_
_entity.id
_entity.type
_entity.pdbx_description
1 polymer 'Toxin A'
2 water water
#
_entity_poly.entity_id   1
_entity_poly.type   'polypeptide(L)'
_entity_poly.pdbx_seq_one_letter_code
;MGSSHHHHHHHHASTGYTSINGKHFYFNTDGIMQIGVFKGPNGFEYFAPANTDANNIEGQAILYQNKFLTLNGKKYYFGS
DSKAVTGLRTIDGKKYYFNTNTAVAVTGWQTINGKKYYFNTNTSIASTGYTIISGKHFYFNTDGIMQIGVFKGPDGFEYF
APANTDANNIEGQAIRYQNRFLYLHDNIYYFGNNSKAATGWVTIDGNRYYFEPNTAMGANGYKTIDNKNFYFRNGLPQIG
VFKGSNGFEYFAPANTDANNIEGQAIRYQNRFLHLLGKIYYFGNNSKAVTGWQTINGKVYYFMPDTAMAAAGGLFEIDGV
IYFFGVDGVKAP
;
_entity_poly.pdbx_strand_id   A,B
#
# COMPACT_ATOMS: atom_id res chain seq x y z
N GLY A 16 30.38 -62.73 33.25
CA GLY A 16 29.63 -62.59 32.00
C GLY A 16 30.29 -63.31 30.86
N TYR A 17 30.56 -62.58 29.78
CA TYR A 17 31.18 -63.14 28.59
C TYR A 17 32.67 -63.44 28.84
N THR A 18 32.94 -64.52 29.59
CA THR A 18 34.31 -64.87 29.97
C THR A 18 34.74 -66.22 29.40
N SER A 19 35.59 -66.19 28.38
CA SER A 19 36.06 -67.41 27.72
C SER A 19 37.17 -68.12 28.51
N ILE A 20 36.97 -69.41 28.76
CA ILE A 20 37.91 -70.18 29.58
C ILE A 20 38.27 -71.52 28.95
N ASN A 21 39.56 -71.70 28.63
CA ASN A 21 40.04 -72.91 27.95
C ASN A 21 39.57 -73.02 26.51
N GLY A 22 39.56 -71.91 25.79
CA GLY A 22 39.20 -71.88 24.38
C GLY A 22 37.74 -72.16 24.08
N LYS A 23 36.85 -71.71 24.97
CA LYS A 23 35.41 -71.88 24.76
C LYS A 23 34.71 -70.53 24.85
N HIS A 24 33.47 -70.56 25.35
CA HIS A 24 32.69 -69.34 25.57
C HIS A 24 31.83 -69.45 26.83
N PHE A 25 32.45 -69.21 27.98
CA PHE A 25 31.75 -69.34 29.26
C PHE A 25 31.05 -68.04 29.65
N TYR A 26 29.73 -68.07 29.68
CA TYR A 26 28.94 -66.93 30.15
C TYR A 26 28.31 -67.24 31.50
N PHE A 27 28.46 -66.31 32.43
CA PHE A 27 27.92 -66.48 33.77
C PHE A 27 27.12 -65.25 34.19
N ASN A 28 26.12 -65.45 35.03
CA ASN A 28 25.25 -64.36 35.48
C ASN A 28 25.84 -63.54 36.62
N THR A 29 25.00 -62.75 37.28
CA THR A 29 25.43 -61.86 38.34
C THR A 29 26.03 -62.62 39.53
N ASP A 30 25.47 -63.79 39.82
CA ASP A 30 25.99 -64.65 40.88
C ASP A 30 27.00 -65.65 40.32
N GLY A 31 27.12 -65.69 39.00
CA GLY A 31 28.09 -66.53 38.34
C GLY A 31 27.65 -67.95 38.09
N ILE A 32 26.58 -68.12 37.33
CA ILE A 32 26.07 -69.44 36.97
C ILE A 32 25.89 -69.58 35.46
N MET A 33 26.35 -70.71 34.91
CA MET A 33 26.36 -70.94 33.47
C MET A 33 25.09 -70.44 32.79
N GLN A 34 25.25 -69.95 31.56
CA GLN A 34 24.12 -69.44 30.79
C GLN A 34 24.00 -70.14 29.45
N ILE A 35 22.77 -70.30 28.98
CA ILE A 35 22.51 -70.96 27.70
C ILE A 35 21.53 -70.15 26.85
N GLY A 36 21.98 -69.76 25.66
CA GLY A 36 21.18 -68.98 24.73
C GLY A 36 22.01 -67.97 23.96
N VAL A 37 21.54 -66.73 23.93
CA VAL A 37 22.29 -65.65 23.28
C VAL A 37 22.52 -64.51 24.27
N PHE A 38 23.77 -64.32 24.68
CA PHE A 38 24.10 -63.34 25.71
C PHE A 38 25.11 -62.28 25.26
N LYS A 39 25.21 -61.19 26.01
CA LYS A 39 25.99 -60.02 25.61
C LYS A 39 27.50 -60.20 25.77
N GLY A 40 28.26 -59.50 24.94
CA GLY A 40 29.72 -59.54 25.00
C GLY A 40 30.36 -58.27 24.49
N PRO A 41 31.70 -58.30 24.29
CA PRO A 41 32.46 -57.15 23.78
C PRO A 41 32.11 -56.85 22.32
N ASN A 42 31.67 -57.88 21.59
CA ASN A 42 31.22 -57.71 20.22
C ASN A 42 29.71 -57.48 20.19
N GLY A 43 28.99 -58.23 21.03
CA GLY A 43 27.54 -58.12 21.12
C GLY A 43 26.90 -59.41 21.60
N PHE A 44 25.63 -59.60 21.25
CA PHE A 44 24.92 -60.84 21.58
C PHE A 44 25.27 -61.92 20.57
N GLU A 45 25.75 -63.07 21.07
CA GLU A 45 26.13 -64.18 20.21
C GLU A 45 25.49 -65.50 20.64
N TYR A 46 25.09 -66.29 19.65
CA TYR A 46 24.41 -67.56 19.91
C TYR A 46 25.37 -68.64 20.39
N PHE A 47 25.16 -69.10 21.61
CA PHE A 47 25.92 -70.23 22.16
C PHE A 47 25.43 -71.53 21.54
N ALA A 48 25.81 -71.73 20.27
CA ALA A 48 25.33 -72.86 19.47
C ALA A 48 25.69 -74.22 20.06
N PRO A 49 24.68 -75.11 20.18
CA PRO A 49 24.85 -76.50 20.60
C PRO A 49 25.71 -77.27 19.60
N ALA A 50 25.95 -78.55 19.86
CA ALA A 50 26.80 -79.37 18.99
C ALA A 50 25.99 -80.40 18.21
N ASN A 51 26.12 -80.38 16.88
CA ASN A 51 26.98 -79.43 16.18
C ASN A 51 26.15 -78.40 15.41
N THR A 52 26.81 -77.38 14.88
CA THR A 52 26.13 -76.33 14.11
C THR A 52 26.98 -75.79 12.97
N ASP A 53 28.23 -75.43 13.27
CA ASP A 53 29.16 -74.96 12.25
C ASP A 53 30.59 -75.40 12.54
N ALA A 54 31.19 -76.09 11.57
CA ALA A 54 32.57 -76.56 11.68
C ALA A 54 32.84 -77.39 12.94
N ASN A 55 31.90 -78.29 13.28
CA ASN A 55 32.06 -79.15 14.45
C ASN A 55 32.27 -78.36 15.73
N ASN A 56 31.34 -77.46 16.04
CA ASN A 56 31.47 -76.60 17.23
C ASN A 56 31.11 -77.31 18.53
N ILE A 57 31.74 -76.87 19.61
CA ILE A 57 31.51 -77.44 20.94
C ILE A 57 30.18 -76.98 21.53
N GLU A 58 29.80 -77.55 22.67
CA GLU A 58 28.52 -77.21 23.28
C GLU A 58 28.60 -75.91 24.08
N GLY A 59 27.80 -74.93 23.68
CA GLY A 59 27.77 -73.64 24.33
C GLY A 59 28.81 -72.69 23.77
N GLN A 60 29.04 -72.77 22.46
CA GLN A 60 30.03 -71.95 21.80
C GLN A 60 29.40 -70.96 20.81
N ALA A 61 30.03 -69.81 20.65
CA ALA A 61 29.58 -68.81 19.67
C ALA A 61 30.67 -68.54 18.65
N ILE A 62 30.34 -68.72 17.37
CA ILE A 62 31.31 -68.51 16.30
C ILE A 62 30.73 -67.73 15.11
N LEU A 63 29.81 -68.34 14.38
CA LEU A 63 29.30 -67.75 13.15
C LEU A 63 27.79 -67.72 13.04
N TYR A 64 27.25 -66.51 12.92
CA TYR A 64 25.84 -66.31 12.57
C TYR A 64 25.80 -65.24 11.49
N GLN A 65 26.11 -65.65 10.26
CA GLN A 65 26.41 -64.73 9.18
C GLN A 65 25.21 -64.34 8.31
N ASN A 66 24.65 -63.17 8.59
CA ASN A 66 23.64 -62.55 7.72
C ASN A 66 22.28 -63.24 7.70
N LYS A 67 21.78 -63.59 8.89
CA LYS A 67 20.49 -64.25 9.00
C LYS A 67 19.52 -63.56 9.97
N PHE A 68 18.61 -64.32 10.55
CA PHE A 68 17.58 -63.78 11.43
C PHE A 68 17.46 -64.68 12.66
N LEU A 69 17.54 -64.10 13.85
CA LEU A 69 17.58 -64.90 15.08
C LEU A 69 16.35 -64.74 15.98
N THR A 70 16.04 -65.81 16.72
CA THR A 70 14.94 -65.80 17.69
C THR A 70 15.32 -66.57 18.95
N LEU A 71 14.97 -66.01 20.11
CA LEU A 71 15.30 -66.63 21.39
C LEU A 71 14.09 -66.72 22.33
N ASN A 72 13.28 -67.77 22.14
CA ASN A 72 12.16 -68.04 23.03
C ASN A 72 11.21 -66.86 23.20
N GLY A 73 11.13 -66.01 22.17
CA GLY A 73 10.21 -64.89 22.19
C GLY A 73 10.77 -63.63 21.57
N LYS A 74 12.01 -63.30 21.91
CA LYS A 74 12.65 -62.09 21.40
C LYS A 74 13.20 -62.32 19.99
N LYS A 75 13.22 -61.24 19.19
CA LYS A 75 13.73 -61.32 17.83
C LYS A 75 14.58 -60.11 17.44
N TYR A 76 15.37 -60.30 16.40
CA TYR A 76 16.23 -59.23 15.87
C TYR A 76 16.75 -59.58 14.48
N TYR A 77 17.12 -58.56 13.73
CA TYR A 77 17.59 -58.75 12.36
C TYR A 77 19.11 -58.63 12.30
N PHE A 78 19.74 -59.47 11.48
CA PHE A 78 21.19 -59.46 11.35
C PHE A 78 21.61 -58.97 9.96
N GLY A 79 22.73 -58.27 9.91
CA GLY A 79 23.17 -57.61 8.69
C GLY A 79 24.37 -58.23 8.01
N SER A 80 25.06 -57.39 7.24
CA SER A 80 26.19 -57.81 6.42
C SER A 80 27.38 -58.29 7.23
N ASP A 81 27.91 -57.42 8.09
CA ASP A 81 28.92 -57.86 9.04
C ASP A 81 28.22 -58.85 9.95
N SER A 82 28.79 -60.05 10.05
CA SER A 82 28.14 -61.17 10.73
C SER A 82 27.69 -60.86 12.16
N LYS A 83 28.09 -59.70 12.67
CA LYS A 83 27.81 -59.32 14.05
C LYS A 83 26.36 -58.87 14.26
N ALA A 84 25.93 -58.84 15.52
CA ALA A 84 24.56 -58.45 15.85
C ALA A 84 24.29 -56.99 15.53
N VAL A 85 23.60 -56.75 14.42
CA VAL A 85 23.25 -55.39 14.01
C VAL A 85 21.99 -54.92 14.70
N THR A 86 21.98 -53.66 15.12
CA THR A 86 20.84 -53.08 15.82
C THR A 86 20.64 -51.60 15.45
N GLY A 87 19.49 -51.05 15.81
CA GLY A 87 19.19 -49.65 15.55
C GLY A 87 18.02 -49.45 14.61
N LEU A 88 17.81 -48.21 14.18
CA LEU A 88 16.71 -47.90 13.26
C LEU A 88 17.15 -48.20 11.83
N ARG A 89 16.39 -49.06 11.16
CA ARG A 89 16.77 -49.57 9.85
C ARG A 89 15.66 -49.40 8.82
N THR A 90 15.94 -49.82 7.59
CA THR A 90 14.97 -49.79 6.51
C THR A 90 15.40 -50.79 5.43
N ILE A 91 15.23 -52.07 5.74
CA ILE A 91 15.70 -53.14 4.85
C ILE A 91 14.64 -53.48 3.81
N ASP A 92 15.05 -53.45 2.55
CA ASP A 92 14.17 -53.82 1.44
C ASP A 92 12.90 -52.96 1.42
N GLY A 93 12.99 -51.76 1.97
CA GLY A 93 11.85 -50.86 2.04
C GLY A 93 11.00 -51.10 3.28
N LYS A 94 11.54 -51.89 4.20
CA LYS A 94 10.86 -52.19 5.45
C LYS A 94 11.67 -51.67 6.63
N LYS A 95 11.04 -50.83 7.44
CA LYS A 95 11.72 -50.27 8.61
C LYS A 95 11.63 -51.18 9.83
N TYR A 96 12.77 -51.37 10.50
CA TYR A 96 12.84 -52.21 11.68
C TYR A 96 13.55 -51.50 12.83
N TYR A 97 13.04 -51.68 14.04
CA TYR A 97 13.70 -51.14 15.23
C TYR A 97 13.60 -52.08 16.42
N PHE A 98 14.62 -52.92 16.58
CA PHE A 98 14.74 -53.81 17.73
C PHE A 98 15.75 -53.23 18.72
N ASN A 99 15.53 -53.46 20.01
CA ASN A 99 16.41 -52.92 21.05
C ASN A 99 17.84 -52.72 20.59
N THR A 100 18.29 -51.47 20.60
CA THR A 100 19.61 -51.09 20.10
C THR A 100 20.77 -51.64 20.95
N ASN A 101 20.55 -51.74 22.25
CA ASN A 101 21.60 -52.19 23.17
C ASN A 101 21.15 -53.30 24.12
N THR A 102 20.12 -54.04 23.73
CA THR A 102 19.63 -55.15 24.53
C THR A 102 18.98 -56.18 23.62
N ALA A 103 18.50 -57.27 24.21
CA ALA A 103 17.92 -58.38 23.45
C ALA A 103 16.39 -58.26 23.33
N VAL A 104 15.77 -57.51 24.24
CA VAL A 104 14.34 -57.33 24.20
C VAL A 104 13.96 -56.31 23.12
N ALA A 105 13.14 -55.32 23.48
CA ALA A 105 12.69 -54.33 22.50
C ALA A 105 12.40 -52.96 23.11
N VAL A 106 12.81 -51.91 22.42
CA VAL A 106 12.55 -50.55 22.84
C VAL A 106 11.74 -49.78 21.79
N THR A 107 10.51 -49.41 22.14
CA THR A 107 9.66 -48.64 21.24
C THR A 107 9.09 -47.42 21.95
N GLY A 108 8.13 -46.75 21.32
CA GLY A 108 7.51 -45.58 21.89
C GLY A 108 8.43 -44.36 21.88
N TRP A 109 7.92 -43.22 22.32
CA TRP A 109 8.69 -41.97 22.33
C TRP A 109 10.13 -42.18 22.80
N GLN A 110 11.06 -41.56 22.09
CA GLN A 110 12.47 -41.67 22.43
C GLN A 110 13.22 -40.43 21.96
N THR A 111 13.27 -39.41 22.82
CA THR A 111 13.99 -38.18 22.50
C THR A 111 15.46 -38.48 22.26
N ILE A 112 15.83 -38.59 20.99
CA ILE A 112 17.18 -38.93 20.60
C ILE A 112 17.90 -37.73 20.00
N ASN A 113 18.72 -37.08 20.83
CA ASN A 113 19.54 -35.97 20.36
C ASN A 113 18.72 -34.73 19.96
N GLY A 114 17.67 -34.45 20.74
CA GLY A 114 16.82 -33.29 20.49
C GLY A 114 15.60 -33.64 19.67
N LYS A 115 15.73 -34.66 18.83
CA LYS A 115 14.63 -35.10 17.98
C LYS A 115 13.79 -36.15 18.70
N LYS A 116 12.49 -35.90 18.79
CA LYS A 116 11.57 -36.82 19.45
C LYS A 116 10.99 -37.82 18.44
N TYR A 117 11.60 -39.00 18.37
CA TYR A 117 11.11 -40.08 17.52
C TYR A 117 10.09 -40.91 18.26
N TYR A 118 9.16 -41.52 17.52
CA TYR A 118 8.22 -42.45 18.12
C TYR A 118 8.28 -43.79 17.40
N PHE A 119 8.12 -44.87 18.16
CA PHE A 119 8.12 -46.21 17.60
C PHE A 119 6.87 -46.98 18.01
N ASN A 120 6.18 -47.54 17.02
CA ASN A 120 4.99 -48.34 17.29
C ASN A 120 5.29 -49.44 18.30
N THR A 121 4.41 -49.57 19.29
CA THR A 121 4.58 -50.56 20.35
C THR A 121 4.22 -51.97 19.87
N ASN A 122 3.60 -52.05 18.69
CA ASN A 122 3.14 -53.33 18.16
C ASN A 122 4.11 -53.94 17.16
N THR A 123 4.50 -53.15 16.15
CA THR A 123 5.38 -53.63 15.10
C THR A 123 6.81 -53.11 15.25
N SER A 124 7.06 -52.32 16.29
CA SER A 124 8.39 -51.78 16.58
C SER A 124 8.94 -50.90 15.46
N ILE A 125 8.06 -50.45 14.57
CA ILE A 125 8.46 -49.62 13.45
C ILE A 125 8.22 -48.14 13.73
N ALA A 126 9.21 -47.32 13.38
CA ALA A 126 9.12 -45.88 13.58
C ALA A 126 7.89 -45.28 12.88
N SER A 127 6.80 -45.16 13.63
CA SER A 127 5.57 -44.56 13.09
C SER A 127 5.87 -43.27 12.35
N THR A 128 5.22 -43.09 11.21
CA THR A 128 5.50 -41.94 10.35
C THR A 128 4.23 -41.31 9.78
N GLY A 129 4.34 -40.04 9.40
CA GLY A 129 3.23 -39.33 8.80
C GLY A 129 2.15 -39.02 9.80
N TYR A 130 1.01 -38.53 9.30
CA TYR A 130 -0.09 -38.12 10.17
C TYR A 130 -0.62 -39.30 10.99
N THR A 131 -0.08 -39.44 12.20
CA THR A 131 -0.41 -40.59 13.05
C THR A 131 -1.08 -40.18 14.36
N ILE A 132 -2.22 -40.81 14.66
CA ILE A 132 -2.97 -40.51 15.87
C ILE A 132 -2.49 -41.35 17.06
N ILE A 133 -1.63 -40.74 17.89
CA ILE A 133 -1.06 -41.43 19.04
C ILE A 133 -1.75 -41.05 20.35
N SER A 134 -2.39 -42.05 20.96
CA SER A 134 -3.06 -41.90 22.27
C SER A 134 -4.23 -40.91 22.23
N GLY A 135 -4.87 -40.79 21.07
CA GLY A 135 -5.94 -39.83 20.90
C GLY A 135 -5.44 -38.46 20.51
N LYS A 136 -4.13 -38.37 20.25
CA LYS A 136 -3.51 -37.13 19.79
C LYS A 136 -2.67 -37.39 18.53
N HIS A 137 -3.10 -36.81 17.41
CA HIS A 137 -2.45 -37.06 16.12
C HIS A 137 -1.25 -36.15 15.84
N PHE A 138 -0.07 -36.73 15.92
CA PHE A 138 1.17 -36.03 15.60
C PHE A 138 1.51 -36.20 14.14
N TYR A 139 2.69 -35.73 13.75
CA TYR A 139 3.15 -35.89 12.38
C TYR A 139 4.64 -36.24 12.35
N PHE A 140 5.04 -37.08 11.39
CA PHE A 140 6.44 -37.50 11.26
C PHE A 140 6.87 -37.59 9.80
N ASN A 141 8.09 -37.15 9.51
CA ASN A 141 8.62 -37.27 8.16
C ASN A 141 8.98 -38.71 7.81
N THR A 142 9.54 -38.91 6.63
CA THR A 142 9.95 -40.25 6.20
C THR A 142 11.11 -40.79 7.03
N ASP A 143 11.84 -39.90 7.68
CA ASP A 143 12.94 -40.30 8.56
C ASP A 143 12.42 -40.64 9.95
N GLY A 144 11.13 -40.41 10.17
CA GLY A 144 10.50 -40.70 11.45
C GLY A 144 10.61 -39.56 12.44
N ILE A 145 11.37 -38.53 12.08
CA ILE A 145 11.58 -37.39 12.95
C ILE A 145 10.28 -36.60 13.17
N MET A 146 10.15 -36.02 14.35
CA MET A 146 8.95 -35.24 14.67
C MET A 146 8.94 -33.92 13.92
N GLN A 147 8.03 -33.81 12.96
CA GLN A 147 7.96 -32.64 12.10
C GLN A 147 7.01 -31.59 12.67
N ILE A 148 7.57 -30.60 13.35
CA ILE A 148 6.80 -29.45 13.80
C ILE A 148 6.35 -28.65 12.59
N GLY A 149 5.10 -28.18 12.59
CA GLY A 149 4.60 -27.36 11.51
C GLY A 149 3.22 -27.73 11.00
N VAL A 150 2.89 -27.27 9.81
CA VAL A 150 1.56 -27.50 9.26
C VAL A 150 1.59 -28.52 8.13
N PHE A 151 1.04 -29.70 8.41
CA PHE A 151 1.12 -30.79 7.45
C PHE A 151 -0.27 -31.35 7.15
N LYS A 152 -0.35 -32.14 6.08
CA LYS A 152 -1.63 -32.56 5.52
C LYS A 152 -2.20 -33.78 6.23
N GLY A 153 -3.50 -33.74 6.50
CA GLY A 153 -4.19 -34.85 7.14
C GLY A 153 -5.43 -35.25 6.36
N PRO A 154 -6.06 -36.36 6.78
CA PRO A 154 -7.27 -36.86 6.12
C PRO A 154 -8.40 -35.83 6.16
N ASP A 155 -8.30 -34.86 7.07
CA ASP A 155 -9.33 -33.83 7.21
C ASP A 155 -8.79 -32.47 6.80
N GLY A 156 -7.53 -32.44 6.41
CA GLY A 156 -6.88 -31.20 6.02
C GLY A 156 -5.63 -30.90 6.82
N PHE A 157 -5.12 -29.69 6.66
CA PHE A 157 -3.88 -29.28 7.30
C PHE A 157 -4.09 -28.86 8.76
N GLU A 158 -3.40 -29.55 9.66
CA GLU A 158 -3.47 -29.23 11.07
C GLU A 158 -2.14 -28.65 11.52
N TYR A 159 -2.21 -27.58 12.29
CA TYR A 159 -1.02 -26.96 12.88
C TYR A 159 -0.52 -27.78 14.06
N PHE A 160 0.59 -28.50 13.85
CA PHE A 160 1.23 -29.21 14.94
C PHE A 160 2.17 -28.25 15.67
N ALA A 161 1.68 -27.68 16.76
CA ALA A 161 2.38 -26.60 17.46
C ALA A 161 3.27 -27.12 18.58
N PRO A 162 4.21 -26.27 19.06
CA PRO A 162 5.07 -26.59 20.20
C PRO A 162 4.30 -26.81 21.50
N ALA A 163 5.05 -26.96 22.59
CA ALA A 163 4.47 -27.23 23.91
C ALA A 163 3.74 -26.01 24.46
N ASN A 164 2.53 -26.25 24.97
CA ASN A 164 1.72 -25.19 25.57
C ASN A 164 1.39 -24.03 24.62
N THR A 165 0.33 -24.20 23.85
CA THR A 165 -0.08 -23.18 22.88
C THR A 165 -1.56 -22.82 22.98
N ASP A 166 -2.41 -23.63 22.34
CA ASP A 166 -3.84 -23.34 22.29
C ASP A 166 -4.56 -24.18 23.31
N ALA A 167 -5.10 -23.54 24.35
CA ALA A 167 -5.52 -24.28 25.53
C ALA A 167 -4.34 -25.20 25.80
N ASN A 168 -3.20 -24.58 26.10
CA ASN A 168 -1.88 -25.22 26.03
C ASN A 168 -1.79 -26.75 26.03
N ASN A 169 -0.96 -27.27 25.13
CA ASN A 169 -0.85 -28.69 24.83
C ASN A 169 0.57 -29.23 25.02
N ILE A 170 0.88 -30.33 24.34
CA ILE A 170 2.23 -30.89 24.33
C ILE A 170 2.88 -30.68 22.98
N GLU A 171 4.21 -30.69 22.96
CA GLU A 171 4.95 -30.42 21.74
C GLU A 171 4.69 -31.47 20.67
N GLY A 172 4.01 -31.06 19.60
CA GLY A 172 3.74 -31.96 18.48
C GLY A 172 2.27 -32.27 18.27
N GLN A 173 1.42 -31.90 19.21
CA GLN A 173 0.00 -32.15 19.08
C GLN A 173 -0.72 -30.98 18.42
N ALA A 174 -1.43 -31.24 17.33
CA ALA A 174 -2.22 -30.20 16.68
C ALA A 174 -3.07 -29.46 17.71
N ILE A 175 -3.46 -28.24 17.39
CA ILE A 175 -4.26 -27.43 18.30
C ILE A 175 -5.44 -26.78 17.58
N ARG A 176 -6.51 -26.52 18.31
CA ARG A 176 -7.63 -25.78 17.75
C ARG A 176 -7.18 -24.36 17.38
N TYR A 177 -6.82 -24.17 16.12
CA TYR A 177 -6.35 -22.86 15.67
C TYR A 177 -7.37 -22.27 14.69
N GLN A 178 -8.23 -21.39 15.20
CA GLN A 178 -9.42 -20.99 14.46
C GLN A 178 -9.46 -19.54 14.03
N ASN A 179 -9.99 -19.33 12.84
CA ASN A 179 -10.30 -17.99 12.33
C ASN A 179 -9.17 -16.99 12.46
N ARG A 180 -7.93 -17.46 12.29
CA ARG A 180 -6.78 -16.57 12.36
C ARG A 180 -5.60 -17.09 11.52
N PHE A 181 -4.74 -16.16 11.12
CA PHE A 181 -3.61 -16.46 10.26
C PHE A 181 -2.45 -17.10 11.02
N LEU A 182 -1.62 -17.87 10.33
CA LEU A 182 -0.38 -18.36 10.93
C LEU A 182 0.87 -17.88 10.19
N TYR A 183 1.82 -17.33 10.94
CA TYR A 183 3.07 -16.88 10.39
C TYR A 183 4.17 -17.78 10.95
N LEU A 184 4.87 -18.50 10.07
CA LEU A 184 5.77 -19.56 10.55
C LEU A 184 6.94 -19.93 9.62
N HIS A 185 7.86 -19.00 9.40
CA HIS A 185 7.76 -17.62 9.86
C HIS A 185 7.51 -16.76 8.64
N ASP A 186 8.33 -16.98 7.62
CA ASP A 186 8.14 -16.40 6.30
C ASP A 186 6.87 -17.03 5.72
N ASN A 187 6.77 -18.34 5.89
CA ASN A 187 5.56 -19.09 5.58
C ASN A 187 4.31 -18.44 6.14
N ILE A 188 3.27 -18.32 5.32
CA ILE A 188 1.99 -17.79 5.79
C ILE A 188 0.88 -18.81 5.55
N TYR A 189 -0.01 -18.96 6.53
CA TYR A 189 -1.16 -19.83 6.36
C TYR A 189 -2.44 -19.10 6.79
N TYR A 190 -3.55 -19.82 6.76
CA TYR A 190 -4.78 -19.36 7.40
C TYR A 190 -5.69 -20.53 7.73
N PHE A 191 -6.19 -20.56 8.96
CA PHE A 191 -7.06 -21.66 9.38
C PHE A 191 -8.53 -21.23 9.45
N GLY A 192 -9.42 -22.11 9.00
CA GLY A 192 -10.85 -21.84 9.03
C GLY A 192 -11.43 -22.01 10.41
N ASN A 193 -12.73 -22.29 10.47
CA ASN A 193 -13.38 -22.58 11.73
C ASN A 193 -13.05 -24.00 12.18
N ASN A 194 -12.95 -24.89 11.20
CA ASN A 194 -12.67 -26.29 11.48
C ASN A 194 -11.23 -26.50 11.96
N SER A 195 -10.54 -25.41 12.25
CA SER A 195 -9.20 -25.48 12.83
C SER A 195 -8.20 -25.96 11.80
N LYS A 196 -8.68 -26.16 10.58
CA LYS A 196 -7.83 -26.66 9.51
C LYS A 196 -7.38 -25.52 8.59
N ALA A 197 -6.21 -25.67 7.98
CA ALA A 197 -5.65 -24.64 7.10
C ALA A 197 -6.46 -24.50 5.82
N ALA A 198 -6.35 -23.33 5.19
CA ALA A 198 -7.05 -23.02 3.96
C ALA A 198 -6.22 -23.37 2.72
N THR A 199 -6.92 -23.64 1.61
CA THR A 199 -6.26 -24.01 0.35
C THR A 199 -7.01 -23.39 -0.83
N GLY A 200 -6.28 -23.01 -1.87
CA GLY A 200 -6.89 -22.39 -3.04
C GLY A 200 -7.29 -20.95 -2.78
N TRP A 201 -8.31 -20.49 -3.50
CA TRP A 201 -8.74 -19.09 -3.51
C TRP A 201 -9.73 -18.76 -2.42
N VAL A 202 -9.33 -17.89 -1.47
CA VAL A 202 -10.11 -17.68 -0.25
C VAL A 202 -10.28 -16.21 0.16
N THR A 203 -11.48 -15.67 -0.02
CA THR A 203 -11.75 -14.30 0.42
C THR A 203 -11.75 -14.14 1.95
N ILE A 204 -10.62 -13.70 2.50
CA ILE A 204 -10.55 -13.47 3.94
C ILE A 204 -10.62 -11.97 4.23
N ASP A 205 -11.63 -11.55 4.97
CA ASP A 205 -11.89 -10.12 5.15
C ASP A 205 -11.75 -9.35 3.84
N GLY A 206 -12.59 -9.68 2.86
CA GLY A 206 -12.67 -8.92 1.61
C GLY A 206 -11.57 -9.16 0.59
N ASN A 207 -10.53 -9.89 1.00
CA ASN A 207 -9.33 -10.04 0.17
C ASN A 207 -9.11 -11.45 -0.33
N ARG A 208 -9.25 -11.64 -1.64
CA ARG A 208 -9.02 -12.95 -2.24
C ARG A 208 -7.55 -13.38 -2.17
N TYR A 209 -7.29 -14.37 -1.32
CA TYR A 209 -5.95 -14.94 -1.18
C TYR A 209 -5.83 -16.17 -2.06
N TYR A 210 -4.67 -16.79 -2.07
CA TYR A 210 -4.56 -18.10 -2.70
C TYR A 210 -3.55 -18.98 -1.96
N PHE A 211 -3.99 -20.19 -1.60
CA PHE A 211 -3.16 -21.07 -0.79
C PHE A 211 -2.79 -22.41 -1.43
N GLU A 212 -1.49 -22.64 -1.53
CA GLU A 212 -0.94 -23.86 -2.09
C GLU A 212 -1.70 -25.12 -1.65
N PRO A 213 -2.43 -25.72 -2.60
CA PRO A 213 -3.22 -26.93 -2.36
C PRO A 213 -2.34 -28.06 -1.87
N ASN A 214 -1.04 -27.94 -2.10
CA ASN A 214 -0.09 -28.94 -1.66
C ASN A 214 0.48 -28.68 -0.27
N THR A 215 0.48 -27.43 0.17
CA THR A 215 1.08 -27.13 1.48
C THR A 215 0.49 -25.93 2.23
N ALA A 216 -0.68 -25.48 1.80
CA ALA A 216 -1.35 -24.39 2.49
C ALA A 216 -0.52 -23.11 2.48
N MET A 217 0.75 -23.25 2.10
CA MET A 217 1.64 -22.10 1.87
C MET A 217 0.94 -21.01 1.08
N GLY A 218 0.65 -19.91 1.74
CA GLY A 218 0.15 -18.75 1.02
C GLY A 218 1.20 -18.44 -0.03
N ALA A 219 0.80 -18.47 -1.29
CA ALA A 219 1.76 -18.39 -2.40
C ALA A 219 2.57 -17.11 -2.45
N ASN A 220 3.88 -17.25 -2.70
CA ASN A 220 4.77 -16.10 -2.87
C ASN A 220 5.50 -16.16 -4.20
N GLY A 221 5.44 -15.08 -4.96
CA GLY A 221 6.16 -15.02 -6.21
C GLY A 221 5.27 -15.13 -7.43
N TYR A 222 5.87 -15.38 -8.59
CA TYR A 222 5.14 -15.47 -9.85
C TYR A 222 4.31 -16.74 -9.91
N LYS A 223 3.06 -16.60 -10.33
CA LYS A 223 2.16 -17.74 -10.46
C LYS A 223 1.21 -17.67 -11.65
N THR A 224 0.74 -18.84 -12.09
CA THR A 224 -0.24 -18.95 -13.15
C THR A 224 -1.28 -20.02 -12.81
N ILE A 225 -2.55 -19.64 -12.85
CA ILE A 225 -3.63 -20.47 -12.38
C ILE A 225 -4.80 -20.33 -13.33
N ASP A 226 -5.20 -21.44 -13.96
CA ASP A 226 -6.30 -21.40 -14.90
C ASP A 226 -5.96 -20.44 -16.04
N ASN A 227 -4.84 -20.70 -16.70
CA ASN A 227 -4.40 -19.90 -17.83
C ASN A 227 -4.15 -18.42 -17.53
N LYS A 228 -4.01 -18.06 -16.26
CA LYS A 228 -3.86 -16.65 -15.91
C LYS A 228 -2.73 -16.39 -14.92
N ASN A 229 -1.92 -15.38 -15.23
CA ASN A 229 -0.75 -15.04 -14.41
C ASN A 229 -1.04 -14.05 -13.30
N PHE A 230 -0.45 -14.33 -12.15
CA PHE A 230 -0.52 -13.45 -10.99
C PHE A 230 0.82 -13.51 -10.30
N TYR A 231 1.17 -12.43 -9.61
CA TYR A 231 2.40 -12.38 -8.87
C TYR A 231 2.05 -12.22 -7.40
N PHE A 232 2.11 -13.30 -6.64
CA PHE A 232 1.69 -13.24 -5.23
C PHE A 232 2.83 -12.84 -4.34
N ARG A 233 2.44 -12.54 -3.10
CA ARG A 233 3.36 -12.29 -1.99
C ARG A 233 2.51 -12.42 -0.76
N ASN A 234 2.88 -13.37 0.10
CA ASN A 234 2.12 -13.64 1.33
C ASN A 234 0.66 -13.99 1.02
N GLY A 235 0.48 -15.01 0.17
CA GLY A 235 -0.83 -15.52 -0.21
C GLY A 235 -1.58 -14.66 -1.22
N LEU A 236 -1.47 -13.34 -1.08
CA LEU A 236 -2.19 -12.37 -1.91
C LEU A 236 -1.52 -12.02 -3.24
N PRO A 237 -2.28 -12.01 -4.34
CA PRO A 237 -1.73 -11.48 -5.59
C PRO A 237 -1.34 -10.01 -5.44
N GLN A 238 -0.20 -9.64 -6.00
CA GLN A 238 0.37 -8.29 -5.87
C GLN A 238 0.03 -7.40 -7.05
N ILE A 239 -0.08 -6.10 -6.81
CA ILE A 239 -0.40 -5.10 -7.87
C ILE A 239 0.78 -4.20 -8.22
N GLY A 240 1.41 -4.47 -9.36
CA GLY A 240 2.56 -3.71 -9.80
C GLY A 240 3.15 -4.35 -11.02
N VAL A 241 4.29 -3.85 -11.48
CA VAL A 241 5.01 -4.45 -12.60
C VAL A 241 6.17 -5.37 -12.14
N PHE A 242 5.94 -6.68 -12.17
CA PHE A 242 6.95 -7.61 -11.66
C PHE A 242 7.47 -8.52 -12.76
N LYS A 243 8.58 -9.20 -12.49
CA LYS A 243 9.21 -10.00 -13.54
C LYS A 243 8.44 -11.29 -13.78
N GLY A 244 8.73 -11.93 -14.91
CA GLY A 244 8.01 -13.12 -15.30
C GLY A 244 8.90 -14.12 -16.01
N SER A 245 8.26 -14.91 -16.88
CA SER A 245 8.97 -15.89 -17.69
C SER A 245 9.37 -15.24 -18.99
N ASN A 246 8.70 -14.12 -19.29
CA ASN A 246 8.92 -13.36 -20.49
C ASN A 246 9.26 -11.91 -20.18
N GLY A 247 9.70 -11.66 -18.95
CA GLY A 247 10.06 -10.31 -18.55
C GLY A 247 9.01 -9.63 -17.71
N PHE A 248 9.00 -8.31 -17.76
CA PHE A 248 8.16 -7.50 -16.88
C PHE A 248 6.75 -7.33 -17.41
N GLU A 249 5.80 -7.83 -16.65
CA GLU A 249 4.42 -7.72 -17.01
C GLU A 249 3.70 -6.91 -15.95
N TYR A 250 2.65 -6.22 -16.38
CA TYR A 250 1.80 -5.43 -15.52
C TYR A 250 0.68 -6.30 -14.93
N PHE A 251 0.67 -6.44 -13.61
CA PHE A 251 -0.35 -7.23 -12.93
C PHE A 251 -1.40 -6.33 -12.35
N ALA A 252 -2.41 -6.00 -13.16
CA ALA A 252 -3.28 -4.86 -12.92
C ALA A 252 -4.46 -5.15 -12.00
N PRO A 253 -5.14 -4.07 -11.57
CA PRO A 253 -6.39 -4.23 -10.84
C PRO A 253 -7.39 -4.96 -11.71
N ALA A 254 -8.49 -5.40 -11.10
CA ALA A 254 -9.58 -5.96 -11.87
C ALA A 254 -10.15 -4.85 -12.74
N ASN A 255 -10.68 -5.24 -13.90
CA ASN A 255 -11.38 -4.32 -14.81
C ASN A 255 -10.49 -3.45 -15.71
N THR A 256 -9.20 -3.38 -15.41
CA THR A 256 -8.32 -2.48 -16.15
C THR A 256 -8.36 -2.77 -17.65
N ASP A 257 -8.21 -4.03 -18.00
CA ASP A 257 -8.20 -4.46 -19.40
C ASP A 257 -8.86 -5.82 -19.52
N ALA A 258 -9.81 -5.91 -20.43
CA ALA A 258 -10.55 -7.16 -20.67
C ALA A 258 -11.13 -7.69 -19.38
N ASN A 259 -11.53 -6.77 -18.50
CA ASN A 259 -12.12 -7.12 -17.21
C ASN A 259 -11.39 -8.29 -16.54
N ASN A 260 -10.08 -8.14 -16.37
CA ASN A 260 -9.29 -9.12 -15.64
C ASN A 260 -9.61 -9.01 -14.16
N ILE A 261 -9.00 -9.87 -13.35
CA ILE A 261 -9.16 -9.76 -11.90
C ILE A 261 -7.92 -9.05 -11.31
N GLU A 262 -7.98 -8.62 -10.04
CA GLU A 262 -6.85 -7.90 -9.46
C GLU A 262 -5.55 -8.69 -9.61
N GLY A 263 -4.43 -7.97 -9.75
CA GLY A 263 -3.13 -8.59 -9.85
C GLY A 263 -3.00 -9.62 -10.96
N GLN A 264 -3.86 -9.52 -11.97
CA GLN A 264 -3.83 -10.39 -13.14
C GLN A 264 -3.06 -9.73 -14.27
N ALA A 265 -1.93 -10.30 -14.66
CA ALA A 265 -1.16 -9.75 -15.76
C ALA A 265 -2.11 -9.36 -16.89
N ILE A 266 -1.76 -8.30 -17.64
CA ILE A 266 -2.61 -7.91 -18.77
C ILE A 266 -1.88 -7.37 -20.02
N ARG A 267 -2.48 -7.63 -21.17
CA ARG A 267 -1.99 -7.02 -22.40
C ARG A 267 -1.99 -5.51 -22.21
N TYR A 268 -0.89 -4.89 -22.59
CA TYR A 268 -0.64 -3.50 -22.31
C TYR A 268 0.61 -3.19 -23.12
N GLN A 269 0.36 -2.70 -24.34
CA GLN A 269 1.41 -2.46 -25.33
C GLN A 269 1.70 -0.99 -25.50
N ASN A 270 2.95 -0.71 -25.89
CA ASN A 270 3.40 0.61 -26.30
C ASN A 270 2.72 1.77 -25.58
N ARG A 271 2.94 1.90 -24.28
CA ARG A 271 2.35 3.00 -23.55
C ARG A 271 2.85 3.12 -22.11
N PHE A 272 2.66 4.29 -21.52
CA PHE A 272 3.15 4.55 -20.19
C PHE A 272 2.21 3.97 -19.17
N LEU A 273 2.62 4.05 -17.91
CA LEU A 273 1.68 4.00 -16.82
C LEU A 273 2.29 4.52 -15.52
N HIS A 274 1.64 5.55 -14.99
CA HIS A 274 1.97 6.07 -13.68
C HIS A 274 1.20 5.29 -12.60
N LEU A 275 1.92 4.47 -11.84
CA LEU A 275 1.30 3.61 -10.83
C LEU A 275 1.85 3.84 -9.41
N LEU A 276 1.32 4.84 -8.72
CA LEU A 276 1.63 5.04 -7.30
C LEU A 276 2.95 5.74 -7.01
N GLY A 277 3.30 6.74 -7.81
CA GLY A 277 4.59 7.39 -7.64
C GLY A 277 5.72 6.56 -8.23
N LYS A 278 5.40 5.66 -9.15
CA LYS A 278 6.43 5.05 -9.98
C LYS A 278 5.93 5.20 -11.39
N ILE A 279 6.81 4.97 -12.36
CA ILE A 279 6.45 5.13 -13.78
C ILE A 279 7.15 4.10 -14.66
N TYR A 280 6.45 3.69 -15.72
CA TYR A 280 6.97 2.65 -16.61
C TYR A 280 6.64 2.91 -18.06
N TYR A 281 7.39 2.22 -18.93
CA TYR A 281 7.02 2.13 -20.33
C TYR A 281 6.75 0.68 -20.78
N PHE A 282 5.60 0.45 -21.44
CA PHE A 282 5.34 -0.86 -22.04
C PHE A 282 5.37 -0.84 -23.56
N GLY A 283 5.99 -1.87 -24.13
CA GLY A 283 6.09 -2.00 -25.57
C GLY A 283 5.02 -2.90 -26.21
N ASN A 284 5.07 -3.02 -27.54
CA ASN A 284 4.08 -3.84 -28.26
C ASN A 284 3.82 -5.18 -27.56
N ASN A 285 4.89 -5.94 -27.32
CA ASN A 285 4.79 -7.26 -26.67
C ASN A 285 3.99 -7.17 -25.39
N SER A 286 3.92 -5.97 -24.83
CA SER A 286 3.25 -5.67 -23.57
C SER A 286 4.15 -5.92 -22.35
N LYS A 287 5.47 -5.78 -22.54
CA LYS A 287 6.44 -5.81 -21.42
C LYS A 287 7.07 -4.44 -21.16
N ALA A 288 7.35 -4.17 -19.90
CA ALA A 288 8.00 -2.95 -19.46
C ALA A 288 9.47 -2.95 -19.87
N VAL A 289 9.98 -1.76 -20.17
CA VAL A 289 11.33 -1.60 -20.73
C VAL A 289 12.43 -1.43 -19.65
N THR A 290 13.69 -1.54 -20.04
CA THR A 290 14.76 -1.41 -19.06
C THR A 290 16.06 -0.79 -19.61
N GLY A 291 16.65 0.11 -18.83
CA GLY A 291 17.83 0.84 -19.25
C GLY A 291 17.46 2.08 -20.03
N TRP A 292 18.47 2.88 -20.36
CA TRP A 292 18.29 4.08 -21.16
C TRP A 292 17.33 3.85 -22.32
N GLN A 293 16.48 4.87 -22.57
CA GLN A 293 15.36 4.80 -23.49
C GLN A 293 14.84 6.21 -23.79
N THR A 294 14.57 6.48 -25.05
CA THR A 294 14.14 7.81 -25.50
C THR A 294 12.72 7.77 -25.98
N ILE A 295 11.83 8.28 -25.16
CA ILE A 295 10.43 8.25 -25.54
C ILE A 295 9.97 9.68 -25.73
N ASN A 296 9.53 9.97 -26.93
CA ASN A 296 9.02 11.30 -27.27
C ASN A 296 10.13 12.35 -27.30
N GLY A 297 11.36 11.86 -27.46
CA GLY A 297 12.50 12.74 -27.62
C GLY A 297 12.87 13.24 -26.26
N LYS A 298 12.45 12.47 -25.27
CA LYS A 298 12.76 12.71 -23.88
C LYS A 298 13.46 11.47 -23.32
N VAL A 299 14.66 11.65 -22.78
CA VAL A 299 15.46 10.55 -22.32
C VAL A 299 15.00 10.02 -20.98
N TYR A 300 14.68 8.74 -20.95
CA TYR A 300 14.33 8.05 -19.72
C TYR A 300 15.35 6.94 -19.41
N TYR A 301 15.57 6.71 -18.12
CA TYR A 301 16.24 5.50 -17.65
C TYR A 301 15.40 4.76 -16.63
N PHE A 302 14.97 3.56 -17.02
CA PHE A 302 14.15 2.68 -16.22
C PHE A 302 15.01 1.54 -15.69
N MET A 303 15.00 1.37 -14.38
CA MET A 303 15.88 0.43 -13.71
C MET A 303 15.79 -1.01 -14.23
N PRO A 304 16.94 -1.67 -14.34
CA PRO A 304 16.99 -3.07 -14.75
C PRO A 304 16.08 -3.97 -13.91
N ASP A 305 16.20 -3.89 -12.60
CA ASP A 305 15.53 -4.83 -11.71
C ASP A 305 14.12 -4.40 -11.30
N THR A 306 13.71 -3.18 -11.65
CA THR A 306 12.41 -2.67 -11.24
C THR A 306 11.50 -2.31 -12.39
N ALA A 307 12.11 -1.77 -13.45
CA ALA A 307 11.38 -1.13 -14.56
C ALA A 307 10.88 0.23 -14.11
N MET A 308 10.95 0.48 -12.81
CA MET A 308 10.59 1.79 -12.33
C MET A 308 11.53 2.83 -12.92
N ALA A 309 10.94 3.79 -13.61
CA ALA A 309 11.67 4.94 -14.12
C ALA A 309 12.45 5.55 -13.00
N ALA A 310 13.59 6.12 -13.35
CA ALA A 310 14.34 6.95 -12.43
C ALA A 310 13.72 8.35 -12.51
N ALA A 311 13.23 8.85 -11.38
CA ALA A 311 12.73 10.21 -11.33
C ALA A 311 12.90 10.82 -9.95
N GLY A 312 12.43 12.05 -9.79
CA GLY A 312 12.45 12.71 -8.50
C GLY A 312 13.82 13.27 -8.12
N GLY A 313 14.85 12.93 -8.88
CA GLY A 313 16.17 13.46 -8.58
C GLY A 313 17.41 12.69 -9.00
N LEU A 314 18.51 12.98 -8.32
CA LEU A 314 19.82 12.40 -8.62
C LEU A 314 19.84 10.90 -8.45
N PHE A 315 20.30 10.21 -9.49
CA PHE A 315 20.48 8.77 -9.47
C PHE A 315 21.89 8.47 -9.99
N GLU A 316 22.59 7.57 -9.31
CA GLU A 316 23.87 7.08 -9.83
C GLU A 316 23.59 5.93 -10.79
N ILE A 317 24.00 6.10 -12.05
CA ILE A 317 23.76 5.08 -13.06
C ILE A 317 25.06 4.73 -13.77
N ASP A 318 25.45 3.46 -13.69
CA ASP A 318 26.71 2.98 -14.25
C ASP A 318 27.86 3.91 -13.93
N GLY A 319 28.04 4.22 -12.65
CA GLY A 319 29.22 4.94 -12.20
C GLY A 319 29.19 6.45 -12.33
N VAL A 320 28.18 6.94 -13.03
CA VAL A 320 28.05 8.36 -13.33
C VAL A 320 26.67 8.73 -12.87
N ILE A 321 26.49 9.89 -12.27
CA ILE A 321 25.18 10.17 -11.72
C ILE A 321 24.35 11.14 -12.56
N TYR A 322 23.05 10.87 -12.65
CA TYR A 322 22.15 11.70 -13.42
C TYR A 322 21.00 12.23 -12.57
N PHE A 323 20.54 13.43 -12.89
CA PHE A 323 19.38 14.03 -12.25
C PHE A 323 18.16 13.86 -13.12
N PHE A 324 17.09 13.31 -12.55
CA PHE A 324 15.84 13.18 -13.28
C PHE A 324 14.77 14.11 -12.72
N GLY A 325 13.75 14.40 -13.54
CA GLY A 325 12.64 15.21 -13.09
C GLY A 325 11.58 14.32 -12.47
N VAL A 326 10.54 14.92 -11.88
CA VAL A 326 9.45 14.13 -11.31
C VAL A 326 8.84 13.18 -12.33
N ASP A 327 8.92 13.55 -13.61
CA ASP A 327 8.33 12.72 -14.66
C ASP A 327 9.37 11.75 -15.18
N GLY A 328 10.56 11.79 -14.60
CA GLY A 328 11.61 10.85 -14.93
C GLY A 328 12.46 11.22 -16.12
N VAL A 329 12.13 12.32 -16.80
CA VAL A 329 12.95 12.73 -17.93
C VAL A 329 14.27 13.26 -17.42
N LYS A 330 15.37 12.73 -17.98
CA LYS A 330 16.68 13.23 -17.62
C LYS A 330 16.79 14.70 -17.98
N ALA A 331 17.02 15.54 -16.99
CA ALA A 331 17.37 16.94 -17.26
C ALA A 331 18.88 16.97 -17.45
N PRO A 332 19.32 17.19 -18.71
CA PRO A 332 20.73 17.14 -19.12
C PRO A 332 21.55 18.13 -18.31
N GLY B 16 -22.87 73.00 -21.58
CA GLY B 16 -23.13 71.58 -21.73
C GLY B 16 -24.61 71.26 -21.68
N TYR B 17 -24.98 70.36 -20.78
CA TYR B 17 -26.37 69.95 -20.62
C TYR B 17 -27.20 71.05 -19.97
N THR B 18 -27.52 72.09 -20.75
CA THR B 18 -28.24 73.25 -20.22
C THR B 18 -29.60 73.44 -20.89
N SER B 19 -30.67 73.10 -20.17
CA SER B 19 -32.03 73.21 -20.69
C SER B 19 -32.57 74.64 -20.68
N ILE B 20 -33.05 75.10 -21.83
CA ILE B 20 -33.51 76.48 -21.96
C ILE B 20 -34.88 76.57 -22.65
N ASN B 21 -35.88 77.08 -21.94
CA ASN B 21 -37.24 77.18 -22.44
C ASN B 21 -37.93 75.82 -22.59
N GLY B 22 -37.71 74.94 -21.62
CA GLY B 22 -38.36 73.63 -21.61
C GLY B 22 -37.89 72.66 -22.68
N LYS B 23 -36.61 72.75 -23.04
CA LYS B 23 -36.04 71.83 -24.02
C LYS B 23 -34.82 71.12 -23.46
N HIS B 24 -33.86 70.82 -24.33
CA HIS B 24 -32.59 70.21 -23.92
C HIS B 24 -31.44 70.76 -24.75
N PHE B 25 -30.94 71.93 -24.37
CA PHE B 25 -29.85 72.58 -25.10
C PHE B 25 -28.47 72.11 -24.62
N TYR B 26 -27.75 71.42 -25.48
CA TYR B 26 -26.38 71.02 -25.17
C TYR B 26 -25.40 71.79 -26.02
N PHE B 27 -24.38 72.34 -25.37
CA PHE B 27 -23.37 73.14 -26.06
C PHE B 27 -21.97 72.67 -25.69
N ASN B 28 -21.03 72.82 -26.60
CA ASN B 28 -19.65 72.37 -26.38
C ASN B 28 -18.81 73.36 -25.59
N THR B 29 -17.49 73.17 -25.61
CA THR B 29 -16.57 73.99 -24.82
C THR B 29 -16.63 75.46 -25.22
N ASP B 30 -16.82 75.72 -26.51
CA ASP B 30 -16.97 77.08 -27.01
C ASP B 30 -18.43 77.49 -27.06
N GLY B 31 -19.32 76.54 -26.80
CA GLY B 31 -20.74 76.81 -26.72
C GLY B 31 -21.46 76.78 -28.05
N ILE B 32 -21.42 75.63 -28.72
CA ILE B 32 -22.13 75.46 -30.00
C ILE B 32 -23.03 74.22 -29.95
N MET B 33 -24.26 74.39 -30.43
CA MET B 33 -25.27 73.33 -30.38
C MET B 33 -24.70 71.95 -30.68
N GLN B 34 -25.25 70.93 -30.02
CA GLN B 34 -24.79 69.56 -30.21
C GLN B 34 -25.95 68.66 -30.60
N ILE B 35 -25.64 67.65 -31.42
CA ILE B 35 -26.66 66.71 -31.87
C ILE B 35 -26.16 65.25 -31.72
N GLY B 36 -26.91 64.46 -30.95
CA GLY B 36 -26.57 63.07 -30.71
C GLY B 36 -26.93 62.63 -29.30
N VAL B 37 -25.96 62.00 -28.64
CA VAL B 37 -26.13 61.59 -27.25
C VAL B 37 -25.01 62.16 -26.39
N PHE B 38 -25.34 63.12 -25.53
CA PHE B 38 -24.32 63.82 -24.75
C PHE B 38 -24.54 63.72 -23.23
N LYS B 39 -23.50 64.05 -22.47
CA LYS B 39 -23.51 63.84 -21.02
C LYS B 39 -24.34 64.86 -20.23
N GLY B 40 -24.86 64.42 -19.09
CA GLY B 40 -25.64 65.28 -18.22
C GLY B 40 -25.57 64.87 -16.75
N PRO B 41 -26.45 65.47 -15.92
CA PRO B 41 -26.51 65.15 -14.49
C PRO B 41 -27.03 63.74 -14.24
N ASN B 42 -27.81 63.22 -15.17
CA ASN B 42 -28.30 61.86 -15.11
C ASN B 42 -27.36 60.94 -15.88
N GLY B 43 -26.89 61.40 -17.03
CA GLY B 43 -25.98 60.65 -17.87
C GLY B 43 -26.08 61.04 -19.33
N PHE B 44 -25.69 60.12 -20.22
CA PHE B 44 -25.84 60.34 -21.65
C PHE B 44 -27.27 60.06 -22.09
N GLU B 45 -27.87 61.04 -22.76
CA GLU B 45 -29.25 60.90 -23.22
C GLU B 45 -29.40 61.26 -24.70
N TYR B 46 -30.24 60.49 -25.41
CA TYR B 46 -30.43 60.68 -26.83
C TYR B 46 -31.30 61.90 -27.14
N PHE B 47 -30.72 62.88 -27.83
CA PHE B 47 -31.46 64.05 -28.29
C PHE B 47 -32.32 63.66 -29.49
N ALA B 48 -33.41 62.95 -29.21
CA ALA B 48 -34.27 62.39 -30.24
C ALA B 48 -34.90 63.43 -31.15
N PRO B 49 -34.80 63.21 -32.47
CA PRO B 49 -35.44 64.06 -33.49
C PRO B 49 -36.96 63.97 -33.38
N ALA B 50 -37.67 64.69 -34.25
CA ALA B 50 -39.13 64.72 -34.21
C ALA B 50 -39.75 63.95 -35.37
N ASN B 51 -40.62 62.98 -35.06
CA ASN B 51 -40.96 62.64 -33.68
C ASN B 51 -40.37 61.28 -33.29
N THR B 52 -40.47 60.93 -32.01
CA THR B 52 -39.95 59.65 -31.52
C THR B 52 -40.80 59.08 -30.38
N ASP B 53 -41.10 59.91 -29.38
CA ASP B 53 -41.95 59.48 -28.27
C ASP B 53 -42.83 60.63 -27.75
N ALA B 54 -44.14 60.41 -27.76
CA ALA B 54 -45.10 61.40 -27.27
C ALA B 54 -44.95 62.77 -27.94
N ASN B 55 -44.77 62.78 -29.26
CA ASN B 55 -44.64 64.02 -30.02
C ASN B 55 -43.52 64.92 -29.49
N ASN B 56 -42.30 64.38 -29.44
CA ASN B 56 -41.17 65.13 -28.89
C ASN B 56 -40.59 66.15 -29.86
N ILE B 57 -40.02 67.22 -29.31
CA ILE B 57 -39.43 68.29 -30.10
C ILE B 57 -38.07 67.87 -30.68
N GLU B 58 -37.50 68.72 -31.53
CA GLU B 58 -36.23 68.39 -32.17
C GLU B 58 -35.03 68.67 -31.27
N GLY B 59 -34.28 67.63 -30.95
CA GLY B 59 -33.12 67.76 -30.08
C GLY B 59 -33.49 67.62 -28.61
N GLN B 60 -34.44 66.74 -28.33
CA GLN B 60 -34.92 66.54 -26.97
C GLN B 60 -34.60 65.14 -26.45
N ALA B 61 -34.39 65.03 -25.14
CA ALA B 61 -34.15 63.74 -24.51
C ALA B 61 -35.22 63.47 -23.47
N ILE B 62 -35.91 62.34 -23.61
CA ILE B 62 -36.96 61.97 -22.65
C ILE B 62 -36.90 60.50 -22.24
N LEU B 63 -37.21 59.60 -23.16
CA LEU B 63 -37.33 58.19 -22.82
C LEU B 63 -36.54 57.25 -23.73
N TYR B 64 -35.61 56.50 -23.13
CA TYR B 64 -34.95 55.40 -23.80
C TYR B 64 -34.97 54.22 -22.84
N GLN B 65 -36.10 53.55 -22.77
CA GLN B 65 -36.39 52.61 -21.69
C GLN B 65 -36.03 51.15 -22.00
N ASN B 66 -34.88 50.71 -21.50
CA ASN B 66 -34.49 49.31 -21.51
C ASN B 66 -34.14 48.74 -22.88
N LYS B 67 -33.35 49.48 -23.66
CA LYS B 67 -32.97 49.03 -24.99
C LYS B 67 -31.45 49.06 -25.22
N PHE B 68 -31.04 49.23 -26.47
CA PHE B 68 -29.63 49.19 -26.84
C PHE B 68 -29.35 50.34 -27.80
N LEU B 69 -28.34 51.15 -27.50
CA LEU B 69 -28.09 52.36 -28.29
C LEU B 69 -26.78 52.34 -29.09
N THR B 70 -26.77 53.05 -30.22
CA THR B 70 -25.58 53.20 -31.05
C THR B 70 -25.46 54.62 -31.61
N LEU B 71 -24.24 55.16 -31.60
CA LEU B 71 -24.02 56.52 -32.07
C LEU B 71 -22.84 56.62 -33.05
N ASN B 72 -23.11 56.33 -34.32
CA ASN B 72 -22.11 56.47 -35.37
C ASN B 72 -20.80 55.73 -35.09
N GLY B 73 -20.89 54.63 -34.34
CA GLY B 73 -19.72 53.82 -34.05
C GLY B 73 -19.68 53.27 -32.64
N LYS B 74 -19.96 54.14 -31.67
CA LYS B 74 -19.94 53.75 -30.26
C LYS B 74 -21.21 53.02 -29.85
N LYS B 75 -21.09 52.11 -28.89
CA LYS B 75 -22.22 51.32 -28.43
C LYS B 75 -22.26 51.22 -26.92
N TYR B 76 -23.42 50.83 -26.39
CA TYR B 76 -23.59 50.60 -24.96
C TYR B 76 -24.91 49.91 -24.66
N TYR B 77 -24.98 49.23 -23.53
CA TYR B 77 -26.17 48.48 -23.15
C TYR B 77 -26.97 49.24 -22.10
N PHE B 78 -28.29 49.19 -22.23
CA PHE B 78 -29.17 49.87 -21.29
C PHE B 78 -29.94 48.89 -20.42
N GLY B 79 -30.19 49.28 -19.18
CA GLY B 79 -30.79 48.39 -18.21
C GLY B 79 -32.22 48.70 -17.81
N SER B 80 -32.58 48.25 -16.61
CA SER B 80 -33.95 48.33 -16.09
C SER B 80 -34.38 49.77 -15.84
N ASP B 81 -33.64 50.48 -15.00
CA ASP B 81 -33.87 51.90 -14.84
C ASP B 81 -33.52 52.53 -16.19
N SER B 82 -34.46 53.26 -16.77
CA SER B 82 -34.35 53.76 -18.14
C SER B 82 -33.05 54.53 -18.42
N LYS B 83 -32.30 54.81 -17.36
CA LYS B 83 -31.09 55.62 -17.47
C LYS B 83 -29.91 54.85 -18.08
N ALA B 84 -28.89 55.58 -18.52
CA ALA B 84 -27.71 54.98 -19.13
C ALA B 84 -26.91 54.15 -18.12
N VAL B 85 -27.08 52.83 -18.20
CA VAL B 85 -26.35 51.92 -17.31
C VAL B 85 -24.95 51.62 -17.86
N THR B 86 -23.98 51.58 -16.96
CA THR B 86 -22.59 51.33 -17.35
C THR B 86 -21.85 50.51 -16.29
N GLY B 87 -20.68 49.99 -16.66
CA GLY B 87 -19.86 49.22 -15.73
C GLY B 87 -19.66 47.78 -16.16
N LEU B 88 -19.10 46.96 -15.27
CA LEU B 88 -18.88 45.55 -15.56
C LEU B 88 -20.15 44.75 -15.30
N ARG B 89 -20.64 44.06 -16.32
CA ARG B 89 -21.94 43.39 -16.25
C ARG B 89 -21.85 41.93 -16.65
N THR B 90 -22.99 41.25 -16.60
CA THR B 90 -23.10 39.85 -17.01
C THR B 90 -24.55 39.55 -17.33
N ILE B 91 -25.02 40.07 -18.46
CA ILE B 91 -26.42 39.95 -18.85
C ILE B 91 -26.68 38.64 -19.60
N ASP B 92 -27.65 37.86 -19.11
CA ASP B 92 -28.05 36.62 -19.75
C ASP B 92 -26.88 35.65 -19.90
N GLY B 93 -25.89 35.78 -19.02
CA GLY B 93 -24.70 34.96 -19.06
C GLY B 93 -23.63 35.52 -19.96
N LYS B 94 -23.82 36.77 -20.38
CA LYS B 94 -22.87 37.45 -21.25
C LYS B 94 -22.30 38.67 -20.55
N LYS B 95 -20.97 38.72 -20.41
CA LYS B 95 -20.32 39.84 -19.75
C LYS B 95 -20.06 41.00 -20.70
N TYR B 96 -20.38 42.21 -20.23
CA TYR B 96 -20.20 43.41 -21.03
C TYR B 96 -19.49 44.50 -20.22
N TYR B 97 -18.58 45.21 -20.87
CA TYR B 97 -17.92 46.34 -20.25
C TYR B 97 -17.67 47.47 -21.24
N PHE B 98 -18.63 48.38 -21.34
CA PHE B 98 -18.40 49.63 -22.06
C PHE B 98 -18.02 50.75 -21.10
N ASN B 99 -17.37 51.78 -21.64
CA ASN B 99 -16.91 52.91 -20.86
C ASN B 99 -17.86 53.29 -19.72
N THR B 100 -17.37 53.18 -18.49
CA THR B 100 -18.18 53.41 -17.29
C THR B 100 -18.62 54.88 -17.13
N ASN B 101 -17.77 55.81 -17.56
CA ASN B 101 -18.06 57.23 -17.39
C ASN B 101 -17.87 58.05 -18.66
N THR B 102 -17.97 57.38 -19.81
CA THR B 102 -17.86 58.05 -21.09
C THR B 102 -18.64 57.28 -22.14
N ALA B 103 -18.66 57.80 -23.37
CA ALA B 103 -19.43 57.19 -24.45
C ALA B 103 -18.61 56.23 -25.31
N VAL B 104 -17.29 56.38 -25.26
CA VAL B 104 -16.41 55.48 -26.03
C VAL B 104 -16.27 54.14 -25.30
N ALA B 105 -15.04 53.69 -25.11
CA ALA B 105 -14.81 52.39 -24.48
C ALA B 105 -13.49 52.31 -23.72
N VAL B 106 -13.53 51.68 -22.55
CA VAL B 106 -12.34 51.46 -21.74
C VAL B 106 -12.09 49.98 -21.50
N THR B 107 -10.99 49.47 -22.03
CA THR B 107 -10.62 48.07 -21.84
C THR B 107 -9.16 47.96 -21.38
N GLY B 108 -8.63 46.75 -21.37
CA GLY B 108 -7.27 46.51 -20.94
C GLY B 108 -7.10 46.66 -19.44
N TRP B 109 -5.88 46.38 -18.96
CA TRP B 109 -5.57 46.45 -17.54
C TRP B 109 -6.20 47.68 -16.87
N GLN B 110 -6.80 47.47 -15.70
CA GLN B 110 -7.43 48.54 -14.95
C GLN B 110 -7.39 48.24 -13.46
N THR B 111 -6.31 48.65 -12.78
CA THR B 111 -6.18 48.44 -11.34
C THR B 111 -7.32 49.15 -10.62
N ILE B 112 -8.34 48.40 -10.27
CA ILE B 112 -9.52 48.95 -9.60
C ILE B 112 -9.58 48.53 -8.15
N ASN B 113 -9.16 49.43 -7.27
CA ASN B 113 -9.24 49.20 -5.83
C ASN B 113 -8.32 48.08 -5.34
N GLY B 114 -7.12 48.03 -5.89
CA GLY B 114 -6.15 47.02 -5.50
C GLY B 114 -6.17 45.81 -6.41
N LYS B 115 -7.34 45.52 -6.97
CA LYS B 115 -7.51 44.38 -7.87
C LYS B 115 -7.20 44.77 -9.31
N LYS B 116 -6.28 44.05 -9.93
CA LYS B 116 -5.92 44.31 -11.32
C LYS B 116 -6.79 43.51 -12.28
N TYR B 117 -7.84 44.13 -12.79
CA TYR B 117 -8.71 43.51 -13.78
C TYR B 117 -8.18 43.75 -15.19
N TYR B 118 -8.47 42.84 -16.11
CA TYR B 118 -8.13 43.05 -17.50
C TYR B 118 -9.37 42.92 -18.37
N PHE B 119 -9.44 43.73 -19.41
CA PHE B 119 -10.57 43.70 -20.35
C PHE B 119 -10.07 43.54 -21.79
N ASN B 120 -10.62 42.55 -22.49
CA ASN B 120 -10.26 42.31 -23.88
C ASN B 120 -10.45 43.59 -24.70
N THR B 121 -9.44 43.91 -25.51
CA THR B 121 -9.48 45.11 -26.33
C THR B 121 -10.39 44.95 -27.55
N ASN B 122 -10.80 43.71 -27.81
CA ASN B 122 -11.60 43.41 -28.99
C ASN B 122 -13.10 43.34 -28.69
N THR B 123 -13.46 42.55 -27.69
CA THR B 123 -14.86 42.36 -27.33
C THR B 123 -15.25 43.11 -26.06
N SER B 124 -14.30 43.83 -25.46
CA SER B 124 -14.55 44.64 -24.27
C SER B 124 -15.02 43.83 -23.07
N ILE B 125 -14.80 42.51 -23.13
CA ILE B 125 -15.24 41.62 -22.07
C ILE B 125 -14.08 41.27 -21.15
N ALA B 126 -14.35 41.32 -19.84
CA ALA B 126 -13.35 40.99 -18.83
C ALA B 126 -12.75 39.60 -19.02
N SER B 127 -11.63 39.54 -19.74
CA SER B 127 -10.94 38.26 -19.97
C SER B 127 -10.81 37.47 -18.66
N THR B 128 -11.03 36.17 -18.75
CA THR B 128 -11.04 35.33 -17.55
C THR B 128 -10.32 34.00 -17.78
N GLY B 129 -9.86 33.41 -16.68
CA GLY B 129 -9.22 32.11 -16.75
C GLY B 129 -7.84 32.20 -17.34
N TYR B 130 -7.24 31.06 -17.60
CA TYR B 130 -5.88 31.00 -18.11
C TYR B 130 -5.77 31.68 -19.47
N THR B 131 -5.41 32.96 -19.46
CA THR B 131 -5.39 33.77 -20.67
C THR B 131 -3.99 34.31 -20.98
N ILE B 132 -3.55 34.10 -22.22
CA ILE B 132 -2.23 34.53 -22.66
C ILE B 132 -2.26 35.96 -23.18
N ILE B 133 -1.88 36.90 -22.33
CA ILE B 133 -1.89 38.33 -22.67
C ILE B 133 -0.52 38.86 -23.04
N SER B 134 -0.36 39.27 -24.30
CA SER B 134 0.87 39.87 -24.79
C SER B 134 2.06 38.91 -24.76
N GLY B 135 1.78 37.62 -24.88
CA GLY B 135 2.84 36.61 -24.80
C GLY B 135 3.11 36.20 -23.38
N LYS B 136 2.27 36.68 -22.45
CA LYS B 136 2.38 36.31 -21.04
C LYS B 136 1.02 35.86 -20.52
N HIS B 137 0.91 34.59 -20.16
CA HIS B 137 -0.36 34.01 -19.74
C HIS B 137 -0.67 34.20 -18.25
N PHE B 138 -1.62 35.08 -17.97
CA PHE B 138 -2.07 35.33 -16.61
C PHE B 138 -3.25 34.42 -16.29
N TYR B 139 -3.86 34.63 -15.13
CA TYR B 139 -5.04 33.87 -14.74
C TYR B 139 -6.07 34.77 -14.08
N PHE B 140 -7.35 34.50 -14.32
CA PHE B 140 -8.44 35.28 -13.74
C PHE B 140 -9.61 34.41 -13.29
N ASN B 141 -10.22 34.73 -12.16
CA ASN B 141 -11.39 34.00 -11.69
C ASN B 141 -12.61 34.35 -12.51
N THR B 142 -13.76 33.79 -12.13
CA THR B 142 -15.02 34.07 -12.81
C THR B 142 -15.46 35.52 -12.64
N ASP B 143 -14.95 36.18 -11.60
CA ASP B 143 -15.26 37.58 -11.37
C ASP B 143 -14.33 38.48 -12.17
N GLY B 144 -13.36 37.87 -12.85
CA GLY B 144 -12.41 38.61 -13.67
C GLY B 144 -11.21 39.12 -12.89
N ILE B 145 -11.25 38.97 -11.57
CA ILE B 145 -10.17 39.43 -10.70
C ILE B 145 -8.88 38.66 -10.95
N MET B 146 -7.75 39.33 -10.79
CA MET B 146 -6.45 38.69 -11.00
C MET B 146 -6.14 37.71 -9.88
N GLN B 147 -6.15 36.43 -10.20
CA GLN B 147 -5.95 35.38 -9.21
C GLN B 147 -4.49 34.99 -9.08
N ILE B 148 -3.82 35.54 -8.07
CA ILE B 148 -2.46 35.13 -7.76
C ILE B 148 -2.47 33.70 -7.22
N GLY B 149 -1.51 32.88 -7.67
CA GLY B 149 -1.41 31.53 -7.17
C GLY B 149 -1.17 30.48 -8.24
N VAL B 150 -1.45 29.22 -7.90
CA VAL B 150 -1.19 28.12 -8.81
C VAL B 150 -2.49 27.56 -9.40
N PHE B 151 -2.70 27.83 -10.68
CA PHE B 151 -3.94 27.43 -11.33
C PHE B 151 -3.69 26.59 -12.58
N LYS B 152 -4.75 25.92 -13.05
CA LYS B 152 -4.64 24.89 -14.08
C LYS B 152 -4.60 25.49 -15.48
N GLY B 153 -3.69 24.96 -16.30
CA GLY B 153 -3.55 25.41 -17.67
C GLY B 153 -3.58 24.24 -18.64
N PRO B 154 -3.61 24.52 -19.95
CA PRO B 154 -3.64 23.48 -20.98
C PRO B 154 -2.42 22.60 -20.90
N ASP B 155 -1.36 23.09 -20.26
CA ASP B 155 -0.12 22.33 -20.13
C ASP B 155 0.12 21.90 -18.70
N GLY B 156 -0.80 22.29 -17.81
CA GLY B 156 -0.65 21.98 -16.40
C GLY B 156 -0.68 23.23 -15.53
N PHE B 157 -0.35 23.04 -14.26
CA PHE B 157 -0.42 24.10 -13.27
C PHE B 157 0.82 24.99 -13.33
N GLU B 158 0.58 26.28 -13.55
CA GLU B 158 1.66 27.25 -13.58
C GLU B 158 1.54 28.17 -12.39
N TYR B 159 2.66 28.42 -11.74
CA TYR B 159 2.73 29.35 -10.62
C TYR B 159 2.68 30.79 -11.13
N PHE B 160 1.55 31.45 -10.96
CA PHE B 160 1.43 32.87 -11.27
C PHE B 160 1.91 33.68 -10.06
N ALA B 161 3.17 34.10 -10.11
CA ALA B 161 3.82 34.72 -8.95
C ALA B 161 3.71 36.25 -8.97
N PRO B 162 3.98 36.88 -7.82
CA PRO B 162 4.01 38.34 -7.70
C PRO B 162 5.10 39.01 -8.56
N ALA B 163 5.25 40.32 -8.39
CA ALA B 163 6.21 41.08 -9.17
C ALA B 163 7.66 40.76 -8.79
N ASN B 164 8.49 40.56 -9.81
CA ASN B 164 9.90 40.27 -9.61
C ASN B 164 10.19 39.01 -8.77
N THR B 165 10.20 37.87 -9.43
CA THR B 165 10.43 36.60 -8.75
C THR B 165 11.50 35.74 -9.42
N ASP B 166 11.11 35.00 -10.45
CA ASP B 166 12.04 34.08 -11.14
C ASP B 166 12.56 34.73 -12.40
N ALA B 167 13.86 35.06 -12.41
CA ALA B 167 14.36 35.96 -13.43
C ALA B 167 13.36 37.09 -13.43
N ASN B 168 13.28 37.79 -12.30
CA ASN B 168 12.15 38.64 -11.94
C ASN B 168 11.20 39.14 -13.07
N ASN B 169 9.91 39.05 -12.78
CA ASN B 169 8.84 39.28 -13.74
C ASN B 169 7.87 40.38 -13.31
N ILE B 170 6.67 40.32 -13.84
CA ILE B 170 5.59 41.22 -13.43
C ILE B 170 4.53 40.48 -12.64
N GLU B 171 3.79 41.20 -11.80
CA GLU B 171 2.80 40.58 -10.94
C GLU B 171 1.71 39.91 -11.74
N GLY B 172 1.68 38.58 -11.69
CA GLY B 172 0.63 37.81 -12.34
C GLY B 172 1.11 36.92 -13.47
N GLN B 173 2.35 37.08 -13.88
CA GLN B 173 2.90 36.26 -14.95
C GLN B 173 3.58 35.01 -14.40
N ALA B 174 3.17 33.85 -14.89
CA ALA B 174 3.80 32.60 -14.48
C ALA B 174 5.32 32.71 -14.59
N ILE B 175 6.05 31.89 -13.85
CA ILE B 175 7.50 31.92 -13.88
C ILE B 175 8.07 30.52 -14.01
N ARG B 176 9.26 30.42 -14.59
CA ARG B 176 9.96 29.15 -14.64
C ARG B 176 10.33 28.70 -13.23
N TYR B 177 9.47 27.85 -12.64
CA TYR B 177 9.70 27.39 -11.28
C TYR B 177 10.01 25.90 -11.32
N GLN B 178 11.30 25.58 -11.24
CA GLN B 178 11.73 24.23 -11.57
C GLN B 178 12.34 23.43 -10.42
N ASN B 179 12.03 22.14 -10.39
CA ASN B 179 12.66 21.19 -9.48
C ASN B 179 12.68 21.62 -8.03
N ARG B 180 11.64 22.32 -7.60
CA ARG B 180 11.54 22.75 -6.21
C ARG B 180 10.11 22.90 -5.73
N PHE B 181 9.93 22.78 -4.42
CA PHE B 181 8.62 22.85 -3.78
C PHE B 181 8.08 24.27 -3.67
N LEU B 182 6.77 24.42 -3.64
CA LEU B 182 6.15 25.72 -3.33
C LEU B 182 5.30 25.68 -2.05
N TYR B 183 5.55 26.64 -1.17
CA TYR B 183 4.79 26.77 0.05
C TYR B 183 4.00 28.08 -0.04
N LEU B 184 2.67 27.99 -0.02
CA LEU B 184 1.86 29.17 -0.34
C LEU B 184 0.45 29.19 0.26
N HIS B 185 0.33 29.25 1.59
CA HIS B 185 1.47 29.18 2.50
C HIS B 185 1.36 27.83 3.18
N ASP B 186 0.15 27.56 3.68
CA ASP B 186 -0.18 26.26 4.23
C ASP B 186 -0.21 25.28 3.07
N ASN B 187 -0.77 25.75 1.96
CA ASN B 187 -0.75 25.04 0.70
C ASN B 187 0.65 24.60 0.32
N ILE B 188 0.79 23.35 -0.11
CA ILE B 188 2.08 22.85 -0.58
C ILE B 188 1.95 22.34 -2.02
N TYR B 189 2.94 22.62 -2.84
CA TYR B 189 2.97 22.11 -4.20
C TYR B 189 4.36 21.55 -4.53
N TYR B 190 4.52 21.09 -5.77
CA TYR B 190 5.85 20.80 -6.29
C TYR B 190 5.86 20.89 -7.79
N PHE B 191 6.87 21.57 -8.34
CA PHE B 191 6.96 21.74 -9.79
C PHE B 191 8.07 20.87 -10.37
N GLY B 192 7.78 20.27 -11.53
CA GLY B 192 8.75 19.42 -12.20
C GLY B 192 9.78 20.24 -12.95
N ASN B 193 10.37 19.63 -13.98
CA ASN B 193 11.33 20.34 -14.80
C ASN B 193 10.59 21.27 -15.74
N ASN B 194 9.44 20.81 -16.22
CA ASN B 194 8.64 21.59 -17.15
C ASN B 194 8.03 22.84 -16.51
N SER B 195 8.47 23.15 -15.29
CA SER B 195 8.03 24.37 -14.61
C SER B 195 6.59 24.26 -14.16
N LYS B 196 6.00 23.10 -14.42
CA LYS B 196 4.59 22.87 -14.09
C LYS B 196 4.44 22.07 -12.80
N ALA B 197 3.35 22.29 -12.09
CA ALA B 197 3.10 21.62 -10.82
C ALA B 197 2.87 20.12 -11.01
N ALA B 198 3.12 19.36 -9.94
CA ALA B 198 2.91 17.91 -9.95
C ALA B 198 1.50 17.51 -9.48
N THR B 199 1.05 16.34 -9.91
CA THR B 199 -0.28 15.83 -9.62
C THR B 199 -0.23 14.31 -9.41
N GLY B 200 -1.05 13.81 -8.47
CA GLY B 200 -1.04 12.38 -8.16
C GLY B 200 0.17 11.93 -7.38
N TRP B 201 0.56 10.67 -7.56
CA TRP B 201 1.60 10.01 -6.76
C TRP B 201 2.97 10.22 -7.30
N VAL B 202 3.81 10.95 -6.57
CA VAL B 202 5.12 11.39 -7.08
C VAL B 202 6.28 11.16 -6.12
N THR B 203 7.16 10.21 -6.44
CA THR B 203 8.38 10.00 -5.65
C THR B 203 9.38 11.16 -5.75
N ILE B 204 9.38 12.07 -4.79
CA ILE B 204 10.32 13.18 -4.82
C ILE B 204 11.40 12.91 -3.79
N ASP B 205 12.65 12.79 -4.22
CA ASP B 205 13.72 12.39 -3.31
C ASP B 205 13.28 11.25 -2.42
N GLY B 206 12.96 10.12 -3.03
CA GLY B 206 12.69 8.89 -2.29
C GLY B 206 11.34 8.78 -1.63
N ASN B 207 10.59 9.88 -1.61
CA ASN B 207 9.37 9.94 -0.84
C ASN B 207 8.12 10.07 -1.69
N ARG B 208 7.26 9.04 -1.66
CA ARG B 208 6.03 9.06 -2.45
C ARG B 208 5.01 10.06 -1.90
N TYR B 209 4.82 11.15 -2.60
CA TYR B 209 3.84 12.17 -2.23
C TYR B 209 2.55 11.91 -2.97
N TYR B 210 1.56 12.75 -2.74
CA TYR B 210 0.37 12.69 -3.55
C TYR B 210 -0.23 14.08 -3.70
N PHE B 211 -0.48 14.48 -4.95
CA PHE B 211 -0.96 15.83 -5.24
C PHE B 211 -2.31 15.90 -5.93
N GLU B 212 -3.21 16.65 -5.30
CA GLU B 212 -4.57 16.85 -5.80
C GLU B 212 -4.62 17.12 -7.29
N PRO B 213 -5.12 16.15 -8.06
CA PRO B 213 -5.24 16.25 -9.51
C PRO B 213 -6.10 17.45 -9.90
N ASN B 214 -6.88 17.96 -8.95
CA ASN B 214 -7.72 19.13 -9.19
C ASN B 214 -7.05 20.44 -8.87
N THR B 215 -6.05 20.43 -7.99
CA THR B 215 -5.42 21.67 -7.59
C THR B 215 -3.96 21.58 -7.17
N ALA B 216 -3.31 20.46 -7.47
CA ALA B 216 -1.89 20.32 -7.18
C ALA B 216 -1.62 20.40 -5.68
N MET B 217 -2.62 20.85 -4.92
CA MET B 217 -2.57 20.85 -3.47
C MET B 217 -2.04 19.53 -2.97
N GLY B 218 -0.85 19.55 -2.37
CA GLY B 218 -0.35 18.38 -1.69
C GLY B 218 -1.37 18.08 -0.63
N ALA B 219 -1.94 16.88 -0.69
CA ALA B 219 -3.10 16.51 0.14
C ALA B 219 -2.83 16.56 1.64
N ASN B 220 -3.76 17.14 2.39
CA ASN B 220 -3.70 17.15 3.85
C ASN B 220 -4.95 16.55 4.48
N GLY B 221 -4.74 15.62 5.41
CA GLY B 221 -5.87 15.00 6.09
C GLY B 221 -6.17 13.60 5.62
N TYR B 222 -7.34 13.09 5.99
CA TYR B 222 -7.76 11.72 5.68
C TYR B 222 -8.06 11.57 4.19
N LYS B 223 -7.53 10.52 3.59
CA LYS B 223 -7.80 10.24 2.18
C LYS B 223 -7.98 8.75 1.84
N THR B 224 -8.65 8.51 0.72
CA THR B 224 -8.82 7.16 0.19
C THR B 224 -8.65 7.17 -1.31
N ILE B 225 -7.76 6.32 -1.81
CA ILE B 225 -7.35 6.33 -3.20
C ILE B 225 -7.18 4.89 -3.70
N ASP B 226 -8.00 4.50 -4.67
CA ASP B 226 -7.96 3.13 -5.17
C ASP B 226 -8.28 2.16 -4.04
N ASN B 227 -9.45 2.34 -3.44
CA ASN B 227 -9.92 1.48 -2.36
C ASN B 227 -9.00 1.43 -1.13
N LYS B 228 -8.09 2.38 -0.99
CA LYS B 228 -7.16 2.35 0.13
C LYS B 228 -7.04 3.66 0.89
N ASN B 229 -7.13 3.59 2.22
CA ASN B 229 -7.06 4.76 3.07
C ASN B 229 -5.64 5.19 3.45
N PHE B 230 -5.43 6.50 3.49
CA PHE B 230 -4.18 7.10 3.89
C PHE B 230 -4.53 8.41 4.58
N TYR B 231 -3.68 8.81 5.50
CA TYR B 231 -3.87 10.07 6.18
C TYR B 231 -2.70 10.98 5.83
N PHE B 232 -2.91 11.92 4.91
CA PHE B 232 -1.80 12.78 4.48
C PHE B 232 -1.65 14.00 5.35
N ARG B 233 -0.52 14.66 5.13
CA ARG B 233 -0.20 15.95 5.72
C ARG B 233 0.94 16.49 4.90
N ASN B 234 0.70 17.62 4.23
CA ASN B 234 1.72 18.23 3.38
C ASN B 234 2.13 17.28 2.24
N GLY B 235 1.12 16.82 1.47
CA GLY B 235 1.32 15.94 0.34
C GLY B 235 1.64 14.49 0.69
N LEU B 236 2.39 14.29 1.78
CA LEU B 236 2.87 12.96 2.19
C LEU B 236 1.88 12.19 3.09
N PRO B 237 1.66 10.90 2.80
CA PRO B 237 0.89 10.08 3.75
C PRO B 237 1.63 9.99 5.08
N GLN B 238 0.88 10.06 6.18
CA GLN B 238 1.45 10.10 7.53
C GLN B 238 1.43 8.72 8.18
N ILE B 239 2.36 8.47 9.10
CA ILE B 239 2.45 7.18 9.82
C ILE B 239 2.13 7.29 11.31
N GLY B 240 0.93 6.86 11.69
CA GLY B 240 0.49 6.94 13.06
C GLY B 240 -0.95 6.51 13.12
N VAL B 241 -1.57 6.63 14.29
CA VAL B 241 -2.99 6.32 14.47
C VAL B 241 -3.86 7.59 14.41
N PHE B 242 -4.50 7.83 13.27
CA PHE B 242 -5.30 9.05 13.14
C PHE B 242 -6.77 8.74 12.93
N LYS B 243 -7.61 9.75 13.07
CA LYS B 243 -9.05 9.52 13.02
C LYS B 243 -9.54 9.29 11.59
N GLY B 244 -10.74 8.76 11.45
CA GLY B 244 -11.26 8.40 10.14
C GLY B 244 -12.76 8.60 10.06
N SER B 245 -13.40 7.81 9.20
CA SER B 245 -14.84 7.86 9.03
C SER B 245 -15.46 6.87 10.00
N ASN B 246 -14.63 5.94 10.48
CA ASN B 246 -15.04 4.89 11.40
C ASN B 246 -14.21 4.92 12.68
N GLY B 247 -13.57 6.06 12.94
CA GLY B 247 -12.74 6.23 14.11
C GLY B 247 -11.25 6.06 13.83
N PHE B 248 -10.52 5.64 14.86
CA PHE B 248 -9.07 5.61 14.80
C PHE B 248 -8.52 4.37 14.13
N GLU B 249 -7.83 4.58 13.03
CA GLU B 249 -7.21 3.49 12.31
C GLU B 249 -5.69 3.69 12.32
N TYR B 250 -4.98 2.57 12.25
CA TYR B 250 -3.54 2.55 12.18
C TYR B 250 -3.10 2.64 10.72
N PHE B 251 -2.36 3.69 10.40
CA PHE B 251 -1.85 3.89 9.05
C PHE B 251 -0.40 3.47 9.00
N ALA B 252 -0.17 2.19 8.79
CA ALA B 252 1.14 1.57 9.03
C ALA B 252 2.17 1.72 7.91
N PRO B 253 3.44 1.37 8.23
CA PRO B 253 4.48 1.30 7.20
C PRO B 253 4.08 0.27 6.19
N ALA B 254 4.76 0.27 5.05
CA ALA B 254 4.58 -0.77 4.07
C ALA B 254 5.01 -2.09 4.70
N ASN B 255 4.38 -3.17 4.26
CA ASN B 255 4.75 -4.53 4.68
C ASN B 255 4.22 -4.99 6.04
N THR B 256 3.74 -4.05 6.85
CA THR B 256 3.33 -4.40 8.21
C THR B 256 2.27 -5.51 8.22
N ASP B 257 1.24 -5.33 7.40
CA ASP B 257 0.15 -6.30 7.30
C ASP B 257 -0.33 -6.37 5.86
N ALA B 258 -0.44 -7.58 5.33
CA ALA B 258 -0.88 -7.81 3.96
C ALA B 258 -0.08 -6.99 2.98
N ASN B 259 1.20 -6.78 3.31
CA ASN B 259 2.09 -6.01 2.45
C ASN B 259 1.41 -4.74 1.91
N ASN B 260 0.89 -3.93 2.81
CA ASN B 260 0.33 -2.63 2.45
C ASN B 260 1.46 -1.68 2.12
N ILE B 261 1.13 -0.46 1.71
CA ILE B 261 2.16 0.54 1.45
C ILE B 261 2.25 1.49 2.66
N GLU B 262 3.29 2.31 2.74
CA GLU B 262 3.44 3.19 3.89
C GLU B 262 2.16 4.02 4.12
N GLY B 263 1.89 4.32 5.39
CA GLY B 263 0.74 5.14 5.78
C GLY B 263 -0.59 4.64 5.26
N GLN B 264 -0.64 3.34 4.93
CA GLN B 264 -1.88 2.70 4.49
C GLN B 264 -2.58 2.07 5.67
N ALA B 265 -3.77 2.58 6.01
CA ALA B 265 -4.58 1.96 7.08
C ALA B 265 -4.49 0.44 6.98
N ILE B 266 -4.53 -0.25 8.11
CA ILE B 266 -4.53 -1.73 8.07
C ILE B 266 -5.36 -2.45 9.13
N ARG B 267 -5.86 -3.63 8.75
CA ARG B 267 -6.53 -4.48 9.72
C ARG B 267 -5.55 -4.77 10.83
N TYR B 268 -6.04 -4.64 12.06
CA TYR B 268 -5.20 -4.66 13.23
C TYR B 268 -6.16 -4.72 14.40
N GLN B 269 -6.48 -5.94 14.81
CA GLN B 269 -7.51 -6.22 15.79
C GLN B 269 -6.95 -6.61 17.15
N ASN B 270 -7.72 -6.28 18.20
CA ASN B 270 -7.45 -6.73 19.56
C ASN B 270 -5.98 -6.90 19.90
N ARG B 271 -5.26 -5.79 19.93
CA ARG B 271 -3.84 -5.85 20.27
C ARG B 271 -3.19 -4.48 20.44
N PHE B 272 -2.05 -4.47 21.13
CA PHE B 272 -1.34 -3.24 21.41
C PHE B 272 -0.56 -2.81 20.21
N LEU B 273 0.05 -1.64 20.35
CA LEU B 273 1.19 -1.28 19.53
C LEU B 273 1.92 -0.06 20.08
N HIS B 274 3.20 -0.29 20.35
CA HIS B 274 4.10 0.74 20.76
C HIS B 274 4.71 1.36 19.51
N LEU B 275 4.32 2.60 19.21
CA LEU B 275 4.77 3.31 18.00
C LEU B 275 5.45 4.65 18.31
N LEU B 276 6.74 4.62 18.62
CA LEU B 276 7.54 5.84 18.72
C LEU B 276 7.39 6.59 20.04
N GLY B 277 7.34 5.87 21.15
CA GLY B 277 7.10 6.50 22.44
C GLY B 277 5.65 6.94 22.60
N LYS B 278 4.75 6.29 21.88
CA LYS B 278 3.31 6.39 22.19
C LYS B 278 2.78 4.97 22.21
N ILE B 279 1.59 4.78 22.79
CA ILE B 279 1.03 3.44 22.93
C ILE B 279 -0.49 3.41 22.70
N TYR B 280 -0.97 2.32 22.12
CA TYR B 280 -2.39 2.24 21.79
C TYR B 280 -2.93 0.84 21.97
N TYR B 281 -4.26 0.78 22.13
CA TYR B 281 -4.97 -0.49 22.00
C TYR B 281 -5.92 -0.58 20.78
N PHE B 282 -5.81 -1.67 20.02
CA PHE B 282 -6.78 -1.90 18.96
C PHE B 282 -7.73 -3.07 19.25
N GLY B 283 -9.00 -2.89 18.92
CA GLY B 283 -10.00 -3.91 19.09
C GLY B 283 -10.30 -4.73 17.86
N ASN B 284 -11.22 -5.69 17.97
CA ASN B 284 -11.58 -6.59 16.87
C ASN B 284 -11.80 -5.82 15.57
N ASN B 285 -12.69 -4.82 15.62
CA ASN B 285 -12.99 -3.97 14.46
C ASN B 285 -11.72 -3.44 13.80
N SER B 286 -10.66 -3.39 14.61
CA SER B 286 -9.33 -2.88 14.22
C SER B 286 -9.21 -1.37 14.40
N LYS B 287 -10.00 -0.80 15.32
CA LYS B 287 -9.86 0.60 15.72
C LYS B 287 -9.26 0.76 17.12
N ALA B 288 -8.50 1.84 17.31
CA ALA B 288 -7.90 2.17 18.59
C ALA B 288 -8.96 2.66 19.57
N VAL B 289 -8.74 2.37 20.85
CA VAL B 289 -9.72 2.64 21.92
C VAL B 289 -9.55 4.02 22.59
N THR B 290 -10.55 4.45 23.34
CA THR B 290 -10.48 5.80 23.92
C THR B 290 -11.17 5.90 25.29
N GLY B 291 -10.50 6.57 26.23
CA GLY B 291 -11.01 6.69 27.58
C GLY B 291 -10.58 5.52 28.43
N TRP B 292 -10.97 5.56 29.70
CA TRP B 292 -10.57 4.53 30.65
C TRP B 292 -10.86 3.14 30.07
N GLN B 293 -9.98 2.18 30.40
CA GLN B 293 -9.93 0.88 29.76
C GLN B 293 -9.01 -0.05 30.57
N THR B 294 -9.48 -1.26 30.83
CA THR B 294 -8.74 -2.22 31.62
C THR B 294 -8.26 -3.37 30.77
N ILE B 295 -6.99 -3.36 30.44
CA ILE B 295 -6.46 -4.43 29.62
C ILE B 295 -5.50 -5.26 30.46
N ASN B 296 -5.83 -6.53 30.64
CA ASN B 296 -4.99 -7.48 31.35
C ASN B 296 -5.02 -7.22 32.86
N GLY B 297 -6.08 -6.52 33.27
CA GLY B 297 -6.29 -6.20 34.67
C GLY B 297 -5.38 -5.08 35.09
N LYS B 298 -4.96 -4.33 34.09
CA LYS B 298 -4.15 -3.15 34.26
C LYS B 298 -4.93 -1.98 33.66
N VAL B 299 -5.14 -0.94 34.46
CA VAL B 299 -5.94 0.20 34.04
C VAL B 299 -5.18 1.13 33.10
N TYR B 300 -5.71 1.31 31.91
CA TYR B 300 -5.19 2.30 30.97
C TYR B 300 -6.17 3.45 30.72
N TYR B 301 -5.63 4.65 30.49
CA TYR B 301 -6.44 5.73 29.92
C TYR B 301 -5.81 6.29 28.66
N PHE B 302 -6.50 6.07 27.53
CA PHE B 302 -6.07 6.50 26.21
C PHE B 302 -6.88 7.72 25.79
N MET B 303 -6.17 8.81 25.51
CA MET B 303 -6.80 10.07 25.17
C MET B 303 -7.90 10.03 24.09
N PRO B 304 -8.98 10.79 24.32
CA PRO B 304 -10.08 10.89 23.36
C PRO B 304 -9.59 11.28 21.95
N ASP B 305 -8.82 12.36 21.86
CA ASP B 305 -8.45 12.94 20.59
C ASP B 305 -7.18 12.37 19.98
N THR B 306 -6.45 11.54 20.72
CA THR B 306 -5.19 10.98 20.21
C THR B 306 -5.20 9.45 20.12
N ALA B 307 -5.87 8.82 21.08
CA ALA B 307 -5.76 7.37 21.30
C ALA B 307 -4.40 7.05 21.94
N MET B 308 -3.53 8.04 22.01
CA MET B 308 -2.27 7.83 22.68
C MET B 308 -2.54 7.60 24.15
N ALA B 309 -2.09 6.44 24.61
CA ALA B 309 -2.12 6.10 26.02
C ALA B 309 -1.56 7.24 26.80
N ALA B 310 -2.07 7.43 28.02
CA ALA B 310 -1.43 8.31 28.97
C ALA B 310 -0.33 7.53 29.69
N ALA B 311 0.92 7.97 29.54
CA ALA B 311 2.02 7.36 30.27
C ALA B 311 3.11 8.36 30.62
N GLY B 312 4.19 7.85 31.21
CA GLY B 312 5.33 8.67 31.57
C GLY B 312 5.15 9.53 32.80
N GLY B 313 3.91 9.63 33.31
CA GLY B 313 3.68 10.46 34.48
C GLY B 313 2.31 11.05 34.72
N LEU B 314 2.29 12.09 35.53
CA LEU B 314 1.04 12.76 35.94
C LEU B 314 0.24 13.34 34.77
N PHE B 315 -1.04 13.00 34.72
CA PHE B 315 -1.95 13.53 33.72
C PHE B 315 -3.19 14.00 34.46
N GLU B 316 -3.71 15.18 34.08
CA GLU B 316 -5.02 15.62 34.59
C GLU B 316 -6.13 15.06 33.71
N ILE B 317 -6.98 14.23 34.29
CA ILE B 317 -8.06 13.60 33.54
C ILE B 317 -9.40 13.86 34.22
N ASP B 318 -10.32 14.49 33.47
CA ASP B 318 -11.61 14.90 33.98
C ASP B 318 -11.52 15.54 35.38
N GLY B 319 -10.67 16.55 35.50
CA GLY B 319 -10.57 17.37 36.70
C GLY B 319 -9.76 16.79 37.85
N VAL B 320 -9.33 15.55 37.67
CA VAL B 320 -8.66 14.82 38.74
C VAL B 320 -7.40 14.33 38.09
N ILE B 321 -6.29 14.35 38.78
CA ILE B 321 -5.08 13.97 38.08
C ILE B 321 -4.62 12.56 38.44
N TYR B 322 -4.13 11.84 37.45
CA TYR B 322 -3.56 10.51 37.68
C TYR B 322 -2.10 10.43 37.24
N PHE B 323 -1.35 9.55 37.90
CA PHE B 323 0.02 9.23 37.50
C PHE B 323 0.07 7.89 36.77
N PHE B 324 0.68 7.91 35.60
CA PHE B 324 0.86 6.69 34.81
C PHE B 324 2.33 6.26 34.74
N GLY B 325 2.55 4.98 34.48
CA GLY B 325 3.90 4.46 34.33
C GLY B 325 4.34 4.64 32.90
N VAL B 326 5.62 4.34 32.60
CA VAL B 326 6.11 4.41 31.22
C VAL B 326 5.26 3.54 30.28
N ASP B 327 4.67 2.49 30.81
CA ASP B 327 3.86 1.58 30.00
C ASP B 327 2.42 2.01 30.00
N GLY B 328 2.14 3.13 30.68
CA GLY B 328 0.82 3.75 30.65
C GLY B 328 -0.16 3.17 31.66
N VAL B 329 0.24 2.13 32.39
CA VAL B 329 -0.64 1.59 33.41
C VAL B 329 -0.77 2.56 34.57
N LYS B 330 -1.99 2.89 34.93
CA LYS B 330 -2.23 3.74 36.07
C LYS B 330 -1.64 3.10 37.31
N ALA B 331 -0.68 3.78 37.94
CA ALA B 331 -0.25 3.38 39.27
C ALA B 331 -1.19 4.04 40.28
N PRO B 332 -2.06 3.24 40.91
CA PRO B 332 -3.08 3.71 41.85
C PRO B 332 -2.48 4.52 42.99
#